data_7LK7
#
_entry.id   7LK7
#
_cell.length_a   78.156
_cell.length_b   132.902
_cell.length_c   54.486
_cell.angle_alpha   90.000
_cell.angle_beta   90.000
_cell.angle_gamma   90.000
#
_symmetry.space_group_name_H-M   'P 21 21 2'
#
loop_
_entity.id
_entity.type
_entity.pdbx_description
1 polymer Exo-alpha-L-galactosidase
2 non-polymer 'CALCIUM ION'
3 non-polymer alpha-L-galactopyranose
4 non-polymer 1,2-ETHANEDIOL
5 water water
#
_entity_poly.entity_id   1
_entity_poly.type   'polypeptide(L)'
_entity_poly.pdbx_seq_one_letter_code
;MGSSHHHHHHSSGLVPRGSHMASNSTYAPNVDSTVSLKGTDVFKADSASIAQNYTIPEWFKDAKFGIFIHWGVYSVPAYG
SEWYSRWMYKEGHPINKYHVQTYGPLTKFGYKDFIPMFKAENFNADEWLAVVKSSGAQYIVPVAEHHDGFAMYSSTFNKW
NAVDMGPKRDIIGELKEATKKAGLRFGLSSHRCENAWFYEYGMETPSDVQDTTITLYGERLHEPEGQGMTPYCGKYEGSN
ERSRRQFLMHTYELIDKYQPELIWFDWTVGKYPFQPTFYKFMAYYYNSALDWNKEVVVNTKFGYGDNIQVFDIERGKSDR
IREYPWQTDTSVGKKSWSYCVGEENKSPDHIIDDFVDIVSKNGNLLLNIGPKADGTITDEQKNVLAEIGKWLKTNGEAIY
GSRPWVIASEGHNAGTAGYMTDNTKTEYTADDIRFTTCDNNLYAVSLAWTDGSVTIKSLATKYCRNVEIESVEMLGSSEK
IDYKMTDEGLVVNFPKNKPTEYAHVFKIKLKGVVVSKPLYDKVDNGCLITVRVANHNAEDANVTLKSVVDGNEVSTQVAV
KAKSEQWVKMQNKDVKSFDDMSCKFYFNDNLTYENEFKK
;
_entity_poly.pdbx_strand_id   A
#
loop_
_chem_comp.id
_chem_comp.type
_chem_comp.name
_chem_comp.formula
CA non-polymer 'CALCIUM ION' 'Ca 2'
EDO non-polymer 1,2-ETHANEDIOL 'C2 H6 O2'
GXL L-saccharide, alpha linking alpha-L-galactopyranose 'C6 H12 O6'
#
# COMPACT_ATOMS: atom_id res chain seq x y z
N LYS A 38 -0.74 -31.97 -7.66
CA LYS A 38 0.10 -31.89 -8.84
C LYS A 38 1.55 -32.24 -8.53
N GLY A 39 1.94 -32.04 -7.27
CA GLY A 39 3.26 -32.40 -6.81
C GLY A 39 4.30 -31.31 -6.86
N THR A 40 3.97 -30.15 -7.44
CA THR A 40 4.90 -29.02 -7.44
C THR A 40 5.22 -28.62 -6.01
N ASP A 41 6.49 -28.76 -5.62
CA ASP A 41 6.89 -28.45 -4.26
C ASP A 41 8.20 -27.67 -4.22
N VAL A 42 8.42 -26.80 -5.21
CA VAL A 42 9.55 -25.88 -5.24
C VAL A 42 9.64 -25.15 -3.92
N PHE A 43 8.51 -24.63 -3.45
CA PHE A 43 8.45 -23.87 -2.22
C PHE A 43 8.14 -24.78 -1.04
N LYS A 44 8.99 -24.73 -0.03
CA LYS A 44 8.72 -25.35 1.26
C LYS A 44 8.23 -24.28 2.22
N ALA A 45 7.72 -24.73 3.38
CA ALA A 45 7.02 -23.84 4.30
C ALA A 45 7.99 -23.19 5.28
N ASP A 46 8.94 -22.44 4.74
CA ASP A 46 9.87 -21.67 5.55
C ASP A 46 10.42 -20.52 4.74
N SER A 47 10.95 -19.51 5.44
CA SER A 47 11.31 -18.25 4.80
C SER A 47 12.56 -18.37 3.94
N ALA A 48 13.50 -19.25 4.32
CA ALA A 48 14.68 -19.46 3.49
C ALA A 48 14.29 -20.06 2.14
N SER A 49 13.42 -21.07 2.16
CA SER A 49 12.96 -21.69 0.92
C SER A 49 12.27 -20.67 0.02
N ILE A 50 11.33 -19.91 0.60
CA ILE A 50 10.61 -18.91 -0.19
C ILE A 50 11.55 -17.85 -0.73
N ALA A 51 12.49 -17.39 0.10
CA ALA A 51 13.43 -16.36 -0.34
C ALA A 51 14.33 -16.87 -1.46
N GLN A 52 14.59 -18.17 -1.50
CA GLN A 52 15.44 -18.72 -2.55
C GLN A 52 14.79 -18.64 -3.92
N ASN A 53 13.46 -18.76 -3.99
CA ASN A 53 12.77 -18.97 -5.26
C ASN A 53 11.72 -17.92 -5.60
N TYR A 54 11.29 -17.08 -4.66
CA TYR A 54 10.23 -16.12 -4.93
C TYR A 54 10.79 -14.75 -5.27
N THR A 55 10.15 -14.10 -6.25
CA THR A 55 10.48 -12.74 -6.65
C THR A 55 9.17 -11.97 -6.80
N ILE A 56 9.11 -10.78 -6.17
CA ILE A 56 7.93 -9.93 -6.35
C ILE A 56 7.75 -9.64 -7.84
N PRO A 57 6.58 -9.92 -8.41
CA PRO A 57 6.44 -9.87 -9.87
C PRO A 57 6.43 -8.45 -10.42
N GLU A 58 6.81 -8.35 -11.70
CA GLU A 58 6.87 -7.05 -12.35
C GLU A 58 5.49 -6.41 -12.47
N TRP A 59 4.44 -7.22 -12.61
CA TRP A 59 3.10 -6.65 -12.82
C TRP A 59 2.68 -5.81 -11.62
N PHE A 60 3.01 -6.25 -10.41
CA PHE A 60 2.67 -5.45 -9.24
C PHE A 60 3.45 -4.13 -9.23
N LYS A 61 4.74 -4.18 -9.55
CA LYS A 61 5.53 -2.95 -9.63
C LYS A 61 4.98 -2.03 -10.70
N ASP A 62 4.52 -2.58 -11.82
CA ASP A 62 4.00 -1.76 -12.90
C ASP A 62 2.60 -1.25 -12.63
N ALA A 63 1.80 -1.99 -11.84
CA ALA A 63 0.38 -1.69 -11.71
C ALA A 63 0.15 -0.41 -10.92
N LYS A 64 0.80 -0.27 -9.76
CA LYS A 64 0.79 0.93 -8.92
C LYS A 64 -0.50 1.18 -8.16
N PHE A 65 -1.64 0.72 -8.67
CA PHE A 65 -2.92 1.20 -8.15
C PHE A 65 -3.98 0.11 -8.16
N GLY A 66 -4.61 -0.11 -7.00
CA GLY A 66 -5.70 -1.07 -6.91
C GLY A 66 -6.81 -0.56 -6.01
N ILE A 67 -7.98 -1.17 -6.18
CA ILE A 67 -9.17 -0.80 -5.42
C ILE A 67 -9.50 -1.90 -4.41
N PHE A 68 -9.57 -1.51 -3.15
CA PHE A 68 -10.01 -2.33 -2.03
C PHE A 68 -11.51 -2.13 -1.86
N ILE A 69 -12.25 -3.18 -1.50
CA ILE A 69 -13.70 -3.04 -1.33
C ILE A 69 -14.15 -3.80 -0.08
N HIS A 70 -14.45 -3.06 0.98
CA HIS A 70 -14.99 -3.63 2.22
C HIS A 70 -16.51 -3.66 2.12
N TRP A 71 -17.07 -4.86 2.09
CA TRP A 71 -18.51 -5.04 1.94
C TRP A 71 -18.89 -6.35 2.61
N GLY A 72 -19.96 -6.32 3.40
CA GLY A 72 -20.35 -7.52 4.13
C GLY A 72 -21.55 -7.25 5.02
N VAL A 73 -21.74 -8.16 5.96
CA VAL A 73 -22.91 -8.07 6.86
C VAL A 73 -22.86 -6.76 7.64
N TYR A 74 -21.67 -6.32 8.02
CA TYR A 74 -21.52 -5.08 8.78
C TYR A 74 -22.05 -3.87 8.03
N SER A 75 -22.26 -3.98 6.72
CA SER A 75 -22.78 -2.85 5.95
C SER A 75 -24.26 -2.61 6.21
N VAL A 76 -24.97 -3.58 6.80
CA VAL A 76 -26.40 -3.42 7.05
C VAL A 76 -26.64 -2.39 8.14
N PRO A 77 -26.08 -2.54 9.35
CA PRO A 77 -26.29 -1.49 10.36
C PRO A 77 -25.66 -0.16 9.97
N ALA A 78 -24.57 -0.19 9.22
CA ALA A 78 -23.93 1.02 8.67
C ALA A 78 -23.68 2.05 9.77
N TYR A 79 -23.24 1.58 10.93
CA TYR A 79 -23.02 2.42 12.09
C TYR A 79 -21.64 2.16 12.66
N GLY A 80 -20.87 3.22 12.87
CA GLY A 80 -19.55 3.10 13.44
C GLY A 80 -18.50 2.70 12.42
N SER A 81 -18.39 1.41 12.16
CA SER A 81 -17.42 0.87 11.21
C SER A 81 -17.71 -0.62 11.04
N GLU A 82 -16.83 -1.29 10.29
CA GLU A 82 -16.94 -2.73 10.10
C GLU A 82 -16.60 -3.52 11.36
N TRP A 83 -16.11 -2.86 12.41
CA TRP A 83 -15.86 -3.51 13.69
C TRP A 83 -17.12 -3.65 14.55
N TYR A 84 -18.27 -3.28 14.01
CA TYR A 84 -19.56 -3.36 14.70
C TYR A 84 -19.75 -4.69 15.43
N SER A 85 -19.34 -5.80 14.78
CA SER A 85 -19.56 -7.12 15.36
C SER A 85 -18.83 -7.29 16.69
N ARG A 86 -17.63 -6.73 16.81
CA ARG A 86 -16.88 -6.86 18.06
C ARG A 86 -17.47 -5.96 19.15
N TRP A 87 -17.76 -4.71 18.80
CA TRP A 87 -18.12 -3.72 19.81
C TRP A 87 -19.56 -3.84 20.28
N MET A 88 -20.45 -4.44 19.47
CA MET A 88 -21.84 -4.59 19.88
C MET A 88 -21.99 -5.52 21.07
N TYR A 89 -21.02 -6.40 21.31
CA TYR A 89 -21.06 -7.33 22.43
C TYR A 89 -20.27 -6.83 23.64
N LYS A 90 -19.68 -5.65 23.56
CA LYS A 90 -18.96 -5.03 24.68
C LYS A 90 -19.96 -4.19 25.46
N GLU A 91 -20.49 -4.73 26.55
CA GLU A 91 -21.48 -4.01 27.34
C GLU A 91 -20.95 -2.64 27.76
N GLY A 92 -21.73 -1.60 27.50
CA GLY A 92 -21.36 -0.24 27.80
C GLY A 92 -20.75 0.52 26.65
N HIS A 93 -20.16 -0.18 25.68
CA HIS A 93 -19.59 0.47 24.51
C HIS A 93 -20.68 1.22 23.76
N PRO A 94 -20.35 2.37 23.16
CA PRO A 94 -21.37 3.13 22.39
C PRO A 94 -22.11 2.28 21.37
N ILE A 95 -21.40 1.42 20.63
CA ILE A 95 -22.04 0.58 19.62
C ILE A 95 -22.97 -0.43 20.30
N ASN A 96 -22.57 -0.96 21.45
CA ASN A 96 -23.43 -1.86 22.21
C ASN A 96 -24.73 -1.17 22.58
N LYS A 97 -24.64 -0.02 23.23
CA LYS A 97 -25.84 0.72 23.62
C LYS A 97 -26.66 1.14 22.41
N TYR A 98 -26.00 1.47 21.29
CA TYR A 98 -26.74 1.76 20.06
C TYR A 98 -27.50 0.53 19.60
N HIS A 99 -26.89 -0.65 19.67
CA HIS A 99 -27.50 -1.85 19.12
C HIS A 99 -28.71 -2.30 19.95
N VAL A 100 -28.60 -2.22 21.27
CA VAL A 100 -29.69 -2.66 22.15
C VAL A 100 -30.95 -1.86 21.85
N GLN A 101 -30.82 -0.53 21.75
CA GLN A 101 -31.98 0.31 21.50
C GLN A 101 -32.49 0.13 20.07
N THR A 102 -31.58 -0.01 19.10
CA THR A 102 -32.00 0.00 17.70
C THR A 102 -32.55 -1.35 17.26
N TYR A 103 -31.90 -2.44 17.64
CA TYR A 103 -32.28 -3.75 17.14
C TYR A 103 -32.78 -4.70 18.21
N GLY A 104 -32.28 -4.60 19.44
CA GLY A 104 -32.77 -5.41 20.54
C GLY A 104 -31.67 -5.91 21.44
N PRO A 105 -32.05 -6.63 22.50
CA PRO A 105 -31.03 -7.18 23.40
C PRO A 105 -30.16 -8.20 22.69
N LEU A 106 -28.94 -8.39 23.22
CA LEU A 106 -27.98 -9.29 22.59
C LEU A 106 -28.51 -10.71 22.49
N THR A 107 -29.44 -11.08 23.37
CA THR A 107 -29.97 -12.43 23.39
C THR A 107 -31.08 -12.64 22.37
N LYS A 108 -31.71 -11.56 21.90
CA LYS A 108 -32.75 -11.64 20.89
C LYS A 108 -32.25 -11.29 19.49
N PHE A 109 -31.41 -10.26 19.38
CA PHE A 109 -30.85 -9.82 18.10
C PHE A 109 -29.32 -9.77 18.23
N GLY A 110 -28.66 -10.80 17.72
CA GLY A 110 -27.21 -10.82 17.61
C GLY A 110 -26.75 -10.46 16.20
N TYR A 111 -25.43 -10.41 16.05
CA TYR A 111 -24.84 -10.03 14.76
C TYR A 111 -25.29 -10.95 13.64
N LYS A 112 -25.49 -12.24 13.95
CA LYS A 112 -25.97 -13.18 12.95
C LYS A 112 -27.31 -12.76 12.37
N ASP A 113 -28.13 -12.07 13.15
CA ASP A 113 -29.49 -11.72 12.72
C ASP A 113 -29.52 -10.58 11.72
N PHE A 114 -28.38 -9.92 11.47
CA PHE A 114 -28.28 -9.00 10.34
C PHE A 114 -28.26 -9.73 9.00
N ILE A 115 -27.91 -11.02 8.99
CA ILE A 115 -27.65 -11.72 7.74
C ILE A 115 -28.89 -11.79 6.84
N PRO A 116 -30.09 -12.13 7.36
CA PRO A 116 -31.27 -12.08 6.47
C PRO A 116 -31.51 -10.70 5.87
N MET A 117 -31.13 -9.63 6.55
CA MET A 117 -31.30 -8.28 6.02
C MET A 117 -30.25 -7.93 4.97
N PHE A 118 -29.18 -8.70 4.85
CA PHE A 118 -28.14 -8.46 3.86
C PHE A 118 -28.56 -9.08 2.53
N LYS A 119 -29.54 -8.44 1.90
CA LYS A 119 -30.13 -8.99 0.68
C LYS A 119 -29.37 -8.58 -0.58
N ALA A 120 -28.65 -7.46 -0.54
CA ALA A 120 -27.78 -7.05 -1.65
C ALA A 120 -28.56 -6.95 -2.96
N GLU A 121 -29.76 -6.38 -2.90
CA GLU A 121 -30.68 -6.41 -4.03
C GLU A 121 -30.18 -5.64 -5.24
N ASN A 122 -29.29 -4.65 -5.05
CA ASN A 122 -28.77 -3.85 -6.14
C ASN A 122 -27.29 -4.13 -6.42
N PHE A 123 -26.83 -5.34 -6.09
CA PHE A 123 -25.45 -5.71 -6.37
C PHE A 123 -25.32 -6.18 -7.82
N ASN A 124 -24.27 -5.71 -8.48
CA ASN A 124 -23.99 -6.09 -9.87
C ASN A 124 -22.49 -6.03 -10.08
N ALA A 125 -21.87 -7.19 -10.30
CA ALA A 125 -20.42 -7.26 -10.37
C ALA A 125 -19.86 -6.42 -11.50
N ASP A 126 -20.52 -6.43 -12.67
CA ASP A 126 -20.05 -5.63 -13.79
C ASP A 126 -20.09 -4.14 -13.46
N GLU A 127 -21.11 -3.71 -12.73
CA GLU A 127 -21.21 -2.30 -12.35
C GLU A 127 -20.06 -1.92 -11.42
N TRP A 128 -19.72 -2.78 -10.47
CA TRP A 128 -18.58 -2.54 -9.60
C TRP A 128 -17.30 -2.43 -10.41
N LEU A 129 -17.09 -3.35 -11.36
CA LEU A 129 -15.85 -3.36 -12.13
C LEU A 129 -15.75 -2.16 -13.06
N ALA A 130 -16.88 -1.66 -13.56
CA ALA A 130 -16.86 -0.45 -14.37
C ALA A 130 -16.36 0.74 -13.56
N VAL A 131 -16.77 0.81 -12.29
CA VAL A 131 -16.32 1.91 -11.42
C VAL A 131 -14.83 1.76 -11.11
N VAL A 132 -14.40 0.54 -10.79
CA VAL A 132 -12.98 0.29 -10.53
C VAL A 132 -12.15 0.62 -11.76
N LYS A 133 -12.59 0.14 -12.93
CA LYS A 133 -11.85 0.38 -14.16
C LYS A 133 -11.77 1.86 -14.48
N SER A 134 -12.86 2.60 -14.23
CA SER A 134 -12.85 4.03 -14.53
C SER A 134 -11.90 4.80 -13.65
N SER A 135 -11.46 4.23 -12.53
CA SER A 135 -10.49 4.88 -11.66
C SER A 135 -9.07 4.80 -12.18
N GLY A 136 -8.83 3.98 -13.21
CA GLY A 136 -7.48 3.70 -13.65
C GLY A 136 -6.78 2.62 -12.87
N ALA A 137 -7.42 2.07 -11.84
CA ALA A 137 -6.83 0.97 -11.08
C ALA A 137 -6.63 -0.24 -11.98
N GLN A 138 -5.65 -1.06 -11.62
CA GLN A 138 -5.28 -2.22 -12.41
C GLN A 138 -5.57 -3.54 -11.73
N TYR A 139 -5.87 -3.54 -10.43
CA TYR A 139 -6.28 -4.76 -9.75
C TYR A 139 -7.34 -4.42 -8.72
N ILE A 140 -8.15 -5.43 -8.37
CA ILE A 140 -9.27 -5.26 -7.47
C ILE A 140 -9.13 -6.26 -6.33
N VAL A 141 -9.41 -5.81 -5.11
CA VAL A 141 -9.28 -6.65 -3.92
C VAL A 141 -10.59 -6.59 -3.13
N PRO A 142 -11.60 -7.38 -3.49
CA PRO A 142 -12.76 -7.49 -2.61
C PRO A 142 -12.39 -8.26 -1.36
N VAL A 143 -13.12 -7.99 -0.29
CA VAL A 143 -12.95 -8.75 0.96
C VAL A 143 -13.63 -10.10 0.79
N ALA A 144 -12.83 -11.18 0.85
CA ALA A 144 -13.40 -12.52 0.80
C ALA A 144 -14.02 -12.91 2.13
N GLU A 145 -13.40 -12.50 3.23
CA GLU A 145 -13.96 -12.69 4.57
C GLU A 145 -13.27 -11.72 5.51
N HIS A 146 -14.05 -11.01 6.32
CA HIS A 146 -13.49 -10.07 7.28
C HIS A 146 -13.34 -10.74 8.65
N HIS A 147 -13.37 -9.95 9.71
CA HIS A 147 -13.23 -10.51 11.06
C HIS A 147 -14.50 -11.22 11.52
N ASP A 148 -15.63 -10.98 10.87
CA ASP A 148 -16.93 -11.26 11.45
C ASP A 148 -17.40 -12.70 11.26
N GLY A 149 -16.63 -13.54 10.58
CA GLY A 149 -16.97 -14.94 10.41
C GLY A 149 -17.75 -15.27 9.15
N PHE A 150 -18.16 -14.28 8.37
CA PHE A 150 -19.06 -14.49 7.24
C PHE A 150 -18.28 -14.53 5.95
N ALA A 151 -18.23 -15.71 5.32
CA ALA A 151 -17.52 -15.88 4.05
C ALA A 151 -18.33 -15.29 2.91
N MET A 152 -17.71 -14.39 2.13
CA MET A 152 -18.35 -13.76 0.99
C MET A 152 -18.19 -14.56 -0.29
N TYR A 153 -17.92 -15.87 -0.17
CA TYR A 153 -17.65 -16.73 -1.31
C TYR A 153 -18.29 -18.09 -1.08
N SER A 154 -18.16 -18.97 -2.06
CA SER A 154 -18.74 -20.32 -2.02
C SER A 154 -17.82 -21.22 -1.20
N SER A 155 -18.02 -21.21 0.11
CA SER A 155 -17.20 -21.99 1.02
C SER A 155 -17.82 -23.36 1.28
N THR A 156 -16.96 -24.33 1.55
CA THR A 156 -17.39 -25.67 1.91
C THR A 156 -17.50 -25.85 3.42
N PHE A 157 -16.43 -25.51 4.16
CA PHE A 157 -16.42 -25.74 5.60
C PHE A 157 -17.19 -24.68 6.37
N ASN A 158 -17.38 -23.49 5.81
CA ASN A 158 -18.04 -22.38 6.50
C ASN A 158 -19.48 -22.28 6.01
N LYS A 159 -20.43 -22.73 6.83
CA LYS A 159 -21.83 -22.64 6.47
C LYS A 159 -22.37 -21.21 6.58
N TRP A 160 -21.68 -20.34 7.32
CA TRP A 160 -22.02 -18.91 7.35
C TRP A 160 -21.34 -18.25 6.15
N ASN A 161 -22.01 -18.34 5.00
CA ASN A 161 -21.45 -17.81 3.76
C ASN A 161 -22.54 -17.16 2.93
N ALA A 162 -22.11 -16.35 1.96
CA ALA A 162 -23.02 -15.55 1.16
C ALA A 162 -23.72 -16.35 0.07
N VAL A 163 -23.31 -17.59 -0.20
CA VAL A 163 -24.02 -18.39 -1.17
C VAL A 163 -25.28 -18.99 -0.55
N ASP A 164 -25.17 -19.48 0.68
CA ASP A 164 -26.33 -20.07 1.35
C ASP A 164 -27.19 -19.03 2.06
N MET A 165 -26.58 -17.93 2.50
CA MET A 165 -27.27 -16.93 3.30
C MET A 165 -27.13 -15.55 2.66
N GLY A 166 -27.90 -14.61 3.20
CA GLY A 166 -27.80 -13.21 2.85
C GLY A 166 -28.04 -12.94 1.39
N PRO A 167 -26.99 -12.55 0.67
CA PRO A 167 -27.14 -12.29 -0.78
C PRO A 167 -27.51 -13.54 -1.57
N LYS A 168 -27.24 -14.73 -1.04
CA LYS A 168 -27.47 -15.99 -1.75
C LYS A 168 -26.87 -15.95 -3.16
N ARG A 169 -25.59 -15.61 -3.22
CA ARG A 169 -24.82 -15.61 -4.45
C ARG A 169 -23.34 -15.56 -4.09
N ASP A 170 -22.51 -16.09 -4.99
CA ASP A 170 -21.06 -16.08 -4.79
C ASP A 170 -20.53 -14.71 -5.20
N ILE A 171 -20.45 -13.82 -4.21
CA ILE A 171 -19.97 -12.46 -4.46
C ILE A 171 -18.57 -12.47 -5.05
N ILE A 172 -17.67 -13.24 -4.42
CA ILE A 172 -16.30 -13.33 -4.90
C ILE A 172 -16.25 -13.89 -6.32
N GLY A 173 -16.97 -14.99 -6.54
CA GLY A 173 -16.98 -15.59 -7.87
C GLY A 173 -17.50 -14.65 -8.94
N GLU A 174 -18.60 -13.96 -8.65
CA GLU A 174 -19.15 -13.01 -9.62
C GLU A 174 -18.19 -11.86 -9.87
N LEU A 175 -17.47 -11.42 -8.83
CA LEU A 175 -16.50 -10.35 -9.02
C LEU A 175 -15.31 -10.84 -9.82
N LYS A 176 -14.87 -12.09 -9.59
CA LYS A 176 -13.81 -12.67 -10.40
C LYS A 176 -14.18 -12.67 -11.88
N GLU A 177 -15.41 -13.03 -12.20
CA GLU A 177 -15.84 -13.09 -13.60
C GLU A 177 -15.87 -11.71 -14.23
N ALA A 178 -16.47 -10.74 -13.54
CA ALA A 178 -16.51 -9.37 -14.07
C ALA A 178 -15.12 -8.79 -14.21
N THR A 179 -14.20 -9.15 -13.31
CA THR A 179 -12.83 -8.66 -13.39
C THR A 179 -12.15 -9.15 -14.65
N LYS A 180 -12.35 -10.42 -15.00
CA LYS A 180 -11.74 -10.98 -16.21
C LYS A 180 -12.25 -10.26 -17.45
N LYS A 181 -13.58 -10.08 -17.55
CA LYS A 181 -14.14 -9.33 -18.66
C LYS A 181 -13.65 -7.88 -18.68
N ALA A 182 -13.47 -7.28 -17.50
CA ALA A 182 -12.96 -5.92 -17.41
C ALA A 182 -11.49 -5.81 -17.77
N GLY A 183 -10.78 -6.93 -17.91
CA GLY A 183 -9.37 -6.89 -18.25
C GLY A 183 -8.44 -6.49 -17.12
N LEU A 184 -8.87 -6.66 -15.87
CA LEU A 184 -8.07 -6.32 -14.71
C LEU A 184 -7.59 -7.59 -14.03
N ARG A 185 -6.74 -7.40 -13.01
CA ARG A 185 -6.22 -8.51 -12.22
C ARG A 185 -7.03 -8.67 -10.95
N PHE A 186 -7.33 -9.91 -10.59
CA PHE A 186 -8.24 -10.20 -9.49
C PHE A 186 -7.46 -10.64 -8.26
N GLY A 187 -7.61 -9.87 -7.18
CA GLY A 187 -7.15 -10.27 -5.86
C GLY A 187 -8.31 -10.34 -4.89
N LEU A 188 -7.98 -10.60 -3.64
CA LEU A 188 -8.96 -10.64 -2.56
C LEU A 188 -8.23 -10.58 -1.24
N SER A 189 -8.97 -10.24 -0.18
CA SER A 189 -8.40 -10.12 1.16
C SER A 189 -9.07 -11.11 2.09
N SER A 190 -8.30 -11.56 3.08
CA SER A 190 -8.77 -12.42 4.16
C SER A 190 -8.46 -11.75 5.49
N HIS A 191 -9.50 -11.56 6.32
CA HIS A 191 -9.33 -11.06 7.68
C HIS A 191 -9.81 -12.09 8.69
N ARG A 192 -9.81 -13.38 8.32
CA ARG A 192 -10.43 -14.38 9.17
C ARG A 192 -9.59 -14.72 10.40
N CYS A 193 -8.27 -14.46 10.36
CA CYS A 193 -7.42 -14.79 11.50
C CYS A 193 -7.91 -14.13 12.78
N GLU A 194 -8.45 -12.92 12.67
CA GLU A 194 -8.92 -12.19 13.84
C GLU A 194 -10.26 -12.72 14.37
N ASN A 195 -10.95 -13.55 13.58
CA ASN A 195 -12.22 -14.12 14.02
C ASN A 195 -12.06 -15.03 15.23
N ALA A 196 -10.84 -15.52 15.49
CA ALA A 196 -10.60 -16.36 16.66
C ALA A 196 -10.94 -15.61 17.94
N TRP A 197 -10.72 -14.30 17.98
CA TRP A 197 -10.94 -13.52 19.18
C TRP A 197 -11.92 -12.37 19.01
N PHE A 198 -12.44 -12.12 17.80
CA PHE A 198 -13.20 -10.90 17.56
C PHE A 198 -14.44 -10.81 18.44
N TYR A 199 -15.04 -11.94 18.79
CA TYR A 199 -16.29 -11.95 19.53
C TYR A 199 -16.09 -12.23 21.02
N GLU A 200 -14.91 -11.93 21.57
CA GLU A 200 -14.60 -12.33 22.93
C GLU A 200 -15.54 -11.70 23.96
N TYR A 201 -16.02 -10.49 23.69
CA TYR A 201 -16.84 -9.80 24.67
C TYR A 201 -18.24 -10.40 24.77
N GLY A 202 -18.70 -11.09 23.74
CA GLY A 202 -19.97 -11.81 23.80
C GLY A 202 -19.99 -12.94 24.80
N MET A 203 -18.82 -13.35 25.30
CA MET A 203 -18.74 -14.34 26.36
C MET A 203 -18.87 -13.72 27.75
N GLU A 204 -18.72 -12.41 27.86
CA GLU A 204 -18.69 -11.71 29.14
C GLU A 204 -19.98 -10.98 29.46
N THR A 205 -21.02 -11.18 28.65
CA THR A 205 -22.33 -10.59 28.89
C THR A 205 -23.36 -11.48 28.22
N PRO A 206 -24.58 -11.58 28.77
CA PRO A 206 -25.61 -12.41 28.15
C PRO A 206 -25.80 -12.08 26.68
N SER A 207 -25.59 -13.06 25.81
CA SER A 207 -25.61 -12.84 24.37
C SER A 207 -25.68 -14.20 23.68
N ASP A 208 -25.98 -14.16 22.38
CA ASP A 208 -26.01 -15.38 21.59
C ASP A 208 -24.61 -15.92 21.30
N VAL A 209 -23.56 -15.16 21.62
CA VAL A 209 -22.20 -15.65 21.43
C VAL A 209 -21.89 -16.74 22.45
N GLN A 210 -22.54 -16.70 23.62
CA GLN A 210 -22.28 -17.71 24.65
C GLN A 210 -22.80 -19.09 24.25
N ASP A 211 -23.71 -19.16 23.27
CA ASP A 211 -24.06 -20.42 22.64
C ASP A 211 -22.90 -20.83 21.75
N THR A 212 -22.02 -21.70 22.25
CA THR A 212 -20.81 -22.03 21.53
C THR A 212 -21.03 -22.96 20.34
N THR A 213 -22.28 -23.36 20.07
CA THR A 213 -22.55 -24.14 18.86
C THR A 213 -22.69 -23.27 17.62
N ILE A 214 -22.65 -21.95 17.77
CA ILE A 214 -22.75 -21.02 16.65
C ILE A 214 -21.32 -20.74 16.18
N THR A 215 -20.94 -21.34 15.05
CA THR A 215 -19.57 -21.26 14.58
C THR A 215 -19.22 -19.90 14.02
N LEU A 216 -20.22 -19.08 13.67
CA LEU A 216 -19.95 -17.76 13.11
C LEU A 216 -19.06 -16.94 14.03
N TYR A 217 -19.25 -17.10 15.34
CA TYR A 217 -18.59 -16.25 16.33
C TYR A 217 -17.19 -16.75 16.70
N GLY A 218 -16.65 -17.74 15.99
CA GLY A 218 -15.25 -18.10 16.12
C GLY A 218 -14.90 -18.79 17.43
N GLU A 219 -13.61 -18.69 17.78
CA GLU A 219 -13.06 -19.35 18.95
C GLU A 219 -13.27 -18.58 20.24
N ARG A 220 -13.74 -17.33 20.16
CA ARG A 220 -14.11 -16.54 21.34
C ARG A 220 -12.95 -16.39 22.32
N LEU A 221 -11.72 -16.38 21.81
CA LEU A 221 -10.53 -16.20 22.63
C LEU A 221 -10.31 -14.72 22.91
N HIS A 222 -9.36 -14.44 23.81
CA HIS A 222 -8.99 -13.08 24.10
C HIS A 222 -8.09 -12.52 22.99
N GLU A 223 -8.21 -11.21 22.75
CA GLU A 223 -7.38 -10.55 21.76
C GLU A 223 -5.90 -10.74 22.13
N PRO A 224 -5.04 -11.06 21.17
CA PRO A 224 -3.61 -11.14 21.48
C PRO A 224 -3.09 -9.80 21.97
N GLU A 225 -2.06 -9.86 22.79
CA GLU A 225 -1.45 -8.65 23.30
C GLU A 225 -0.51 -8.08 22.23
N GLY A 226 0.13 -6.96 22.55
CA GLY A 226 1.00 -6.31 21.60
C GLY A 226 0.37 -5.07 20.98
N GLN A 227 1.02 -3.93 21.15
CA GLN A 227 0.52 -2.66 20.64
C GLN A 227 0.96 -2.47 19.20
N GLY A 228 -0.01 -2.43 18.29
CA GLY A 228 0.28 -2.11 16.91
C GLY A 228 0.87 -3.25 16.10
N MET A 229 1.84 -2.92 15.25
CA MET A 229 2.35 -3.86 14.25
C MET A 229 3.58 -4.59 14.80
N THR A 230 3.31 -5.54 15.70
CA THR A 230 4.35 -6.31 16.36
C THR A 230 3.94 -7.77 16.42
N PRO A 231 4.88 -8.70 16.18
CA PRO A 231 4.57 -10.13 16.32
C PRO A 231 4.38 -10.58 17.76
N TYR A 232 4.71 -9.75 18.75
CA TYR A 232 4.52 -10.11 20.14
C TYR A 232 3.04 -10.30 20.45
N CYS A 233 2.72 -11.41 21.12
CA CYS A 233 1.35 -11.72 21.50
C CYS A 233 1.15 -11.89 22.99
N GLY A 234 2.22 -11.98 23.78
CA GLY A 234 2.09 -12.11 25.21
C GLY A 234 1.32 -13.36 25.61
N LYS A 235 0.44 -13.21 26.60
CA LYS A 235 -0.24 -14.33 27.22
C LYS A 235 -1.43 -14.86 26.41
N TYR A 236 -1.84 -14.17 25.36
CA TYR A 236 -2.94 -14.60 24.51
C TYR A 236 -2.42 -14.75 23.08
N GLU A 237 -2.43 -15.99 22.57
CA GLU A 237 -1.79 -16.28 21.31
C GLU A 237 -2.55 -15.71 20.11
N GLY A 238 -3.85 -15.48 20.25
CA GLY A 238 -4.65 -14.98 19.15
C GLY A 238 -5.20 -16.05 18.22
N SER A 239 -4.86 -17.31 18.45
CA SER A 239 -5.36 -18.41 17.64
C SER A 239 -5.27 -19.68 18.46
N ASN A 240 -5.85 -20.75 17.91
CA ASN A 240 -5.67 -22.08 18.48
C ASN A 240 -5.64 -23.08 17.33
N GLU A 241 -5.54 -24.37 17.71
CA GLU A 241 -5.41 -25.44 16.73
C GLU A 241 -6.53 -25.40 15.71
N ARG A 242 -7.77 -25.26 16.17
CA ARG A 242 -8.90 -25.33 15.25
C ARG A 242 -8.96 -24.10 14.35
N SER A 243 -8.61 -22.93 14.87
CA SER A 243 -8.62 -21.74 14.04
C SER A 243 -7.50 -21.77 13.00
N ARG A 244 -6.34 -22.34 13.35
CA ARG A 244 -5.27 -22.50 12.38
C ARG A 244 -5.64 -23.52 11.31
N ARG A 245 -6.21 -24.66 11.71
CA ARG A 245 -6.70 -25.63 10.74
C ARG A 245 -7.70 -24.99 9.80
N GLN A 246 -8.68 -24.26 10.35
CA GLN A 246 -9.70 -23.64 9.52
C GLN A 246 -9.12 -22.53 8.65
N PHE A 247 -8.10 -21.81 9.13
CA PHE A 247 -7.43 -20.81 8.29
C PHE A 247 -6.88 -21.45 7.03
N LEU A 248 -6.27 -22.63 7.16
CA LEU A 248 -5.72 -23.31 5.99
C LEU A 248 -6.84 -23.81 5.08
N MET A 249 -7.89 -24.41 5.65
CA MET A 249 -9.06 -24.72 4.84
C MET A 249 -9.58 -23.49 4.12
N HIS A 250 -9.62 -22.35 4.83
CA HIS A 250 -10.10 -21.10 4.26
C HIS A 250 -9.25 -20.65 3.08
N THR A 251 -7.94 -20.55 3.26
CA THR A 251 -7.07 -20.08 2.20
C THR A 251 -6.97 -21.09 1.06
N TYR A 252 -6.95 -22.38 1.37
CA TYR A 252 -6.84 -23.40 0.33
C TYR A 252 -8.02 -23.31 -0.64
N GLU A 253 -9.25 -23.22 -0.11
CA GLU A 253 -10.40 -23.16 -0.99
C GLU A 253 -10.46 -21.85 -1.77
N LEU A 254 -10.02 -20.75 -1.16
CA LEU A 254 -9.87 -19.50 -1.92
C LEU A 254 -8.87 -19.69 -3.05
N ILE A 255 -7.69 -20.21 -2.73
CA ILE A 255 -6.67 -20.49 -3.75
C ILE A 255 -7.24 -21.41 -4.82
N ASP A 256 -7.82 -22.54 -4.38
CA ASP A 256 -8.23 -23.58 -5.32
C ASP A 256 -9.40 -23.16 -6.19
N LYS A 257 -10.32 -22.35 -5.66
CA LYS A 257 -11.55 -22.08 -6.40
C LYS A 257 -11.47 -20.82 -7.25
N TYR A 258 -10.72 -19.81 -6.84
CA TYR A 258 -10.72 -18.53 -7.52
C TYR A 258 -9.36 -18.11 -8.08
N GLN A 259 -8.29 -18.84 -7.75
CA GLN A 259 -6.92 -18.55 -8.19
C GLN A 259 -6.62 -17.05 -8.19
N PRO A 260 -6.70 -16.37 -7.05
CA PRO A 260 -6.46 -14.94 -7.05
C PRO A 260 -4.99 -14.64 -7.32
N GLU A 261 -4.75 -13.55 -8.04
CA GLU A 261 -3.38 -13.13 -8.30
C GLU A 261 -2.77 -12.41 -7.10
N LEU A 262 -3.58 -12.05 -6.11
CA LEU A 262 -3.11 -11.38 -4.90
C LEU A 262 -4.01 -11.79 -3.75
N ILE A 263 -3.41 -12.10 -2.60
CA ILE A 263 -4.16 -12.32 -1.37
C ILE A 263 -3.59 -11.41 -0.28
N TRP A 264 -4.44 -10.57 0.28
CA TRP A 264 -4.11 -9.59 1.30
C TRP A 264 -4.57 -10.12 2.65
N PHE A 265 -3.71 -10.05 3.64
CA PHE A 265 -4.05 -10.58 4.98
C PHE A 265 -3.99 -9.50 6.04
N ASP A 266 -4.89 -9.60 7.00
CA ASP A 266 -4.95 -8.67 8.15
C ASP A 266 -3.84 -8.99 9.15
N TRP A 267 -3.55 -8.01 9.99
CA TRP A 267 -2.37 -7.94 10.90
C TRP A 267 -2.03 -9.17 11.73
N THR A 268 -2.98 -9.86 12.32
CA THR A 268 -2.66 -10.99 13.24
C THR A 268 -1.97 -12.22 12.61
N VAL A 269 -1.94 -12.36 11.29
CA VAL A 269 -1.23 -13.51 10.70
C VAL A 269 0.26 -13.42 11.04
N GLY A 270 0.74 -12.27 11.53
CA GLY A 270 2.14 -12.11 11.83
C GLY A 270 2.49 -12.42 13.27
N LYS A 271 1.49 -12.54 14.15
CA LYS A 271 1.73 -12.94 15.53
C LYS A 271 2.48 -14.26 15.55
N TYR A 272 3.46 -14.37 16.46
CA TYR A 272 4.37 -15.51 16.48
C TYR A 272 3.68 -16.87 16.41
N PRO A 273 2.68 -17.19 17.23
CA PRO A 273 2.10 -18.55 17.20
C PRO A 273 1.42 -18.90 15.89
N PHE A 274 1.19 -17.93 15.01
CA PHE A 274 0.52 -18.19 13.74
C PHE A 274 1.48 -18.37 12.57
N GLN A 275 2.75 -17.99 12.74
CA GLN A 275 3.68 -17.97 11.62
C GLN A 275 3.90 -19.32 10.96
N PRO A 276 4.07 -20.44 11.69
CA PRO A 276 4.15 -21.73 10.99
C PRO A 276 2.95 -22.02 10.12
N THR A 277 1.74 -21.71 10.59
CA THR A 277 0.55 -21.90 9.77
C THR A 277 0.59 -21.03 8.52
N PHE A 278 1.04 -19.78 8.66
CA PHE A 278 1.05 -18.88 7.51
C PHE A 278 2.08 -19.29 6.49
N TYR A 279 3.23 -19.83 6.93
CA TYR A 279 4.23 -20.29 5.98
C TYR A 279 3.72 -21.49 5.20
N LYS A 280 2.93 -22.36 5.83
CA LYS A 280 2.27 -23.42 5.11
C LYS A 280 1.38 -22.86 4.01
N PHE A 281 0.61 -21.81 4.30
CA PHE A 281 -0.20 -21.18 3.26
C PHE A 281 0.67 -20.63 2.15
N MET A 282 1.73 -19.91 2.51
CA MET A 282 2.55 -19.23 1.50
C MET A 282 3.11 -20.21 0.48
N ALA A 283 3.67 -21.33 0.95
CA ALA A 283 4.23 -22.32 0.04
C ALA A 283 3.15 -22.89 -0.87
N TYR A 284 1.97 -23.18 -0.32
CA TYR A 284 0.89 -23.73 -1.13
C TYR A 284 0.45 -22.73 -2.21
N TYR A 285 0.39 -21.45 -1.86
CA TYR A 285 0.00 -20.42 -2.82
C TYR A 285 1.05 -20.27 -3.91
N TYR A 286 2.32 -20.12 -3.51
CA TYR A 286 3.39 -19.92 -4.48
C TYR A 286 3.59 -21.15 -5.36
N ASN A 287 3.38 -22.35 -4.82
CA ASN A 287 3.47 -23.56 -5.64
C ASN A 287 2.32 -23.64 -6.62
N SER A 288 1.10 -23.40 -6.14
CA SER A 288 -0.06 -23.39 -7.02
C SER A 288 0.11 -22.37 -8.13
N ALA A 289 0.67 -21.20 -7.80
CA ALA A 289 0.86 -20.16 -8.80
C ALA A 289 1.78 -20.63 -9.92
N LEU A 290 2.82 -21.39 -9.57
CA LEU A 290 3.71 -21.94 -10.59
C LEU A 290 2.94 -22.79 -11.58
N ASP A 291 1.99 -23.58 -11.08
CA ASP A 291 1.17 -24.40 -11.96
C ASP A 291 0.26 -23.54 -12.83
N TRP A 292 -0.22 -22.40 -12.30
CA TRP A 292 -1.11 -21.53 -13.07
C TRP A 292 -0.40 -20.77 -14.18
N ASN A 293 0.94 -20.76 -14.19
CA ASN A 293 1.69 -19.84 -15.03
C ASN A 293 1.32 -18.39 -14.75
N LYS A 294 1.10 -18.10 -13.45
CA LYS A 294 0.81 -16.76 -12.98
C LYS A 294 1.72 -16.44 -11.80
N GLU A 295 2.16 -15.18 -11.72
CA GLU A 295 2.91 -14.70 -10.57
C GLU A 295 1.97 -13.96 -9.63
N VAL A 296 2.12 -14.21 -8.33
CA VAL A 296 1.14 -13.77 -7.34
C VAL A 296 1.83 -12.95 -6.26
N VAL A 297 1.00 -12.31 -5.43
CA VAL A 297 1.44 -11.37 -4.41
C VAL A 297 0.74 -11.70 -3.09
N VAL A 298 1.50 -11.65 -1.99
CA VAL A 298 0.95 -11.73 -0.64
C VAL A 298 1.23 -10.41 0.06
N ASN A 299 0.23 -9.89 0.77
CA ASN A 299 0.38 -8.69 1.58
C ASN A 299 0.25 -9.06 3.06
N THR A 300 1.24 -8.66 3.86
CA THR A 300 1.12 -8.66 5.30
C THR A 300 1.62 -7.32 5.84
N LYS A 301 1.28 -7.03 7.09
CA LYS A 301 1.63 -5.75 7.69
C LYS A 301 2.85 -5.82 8.58
N PHE A 302 3.27 -7.02 8.98
CA PHE A 302 4.48 -7.23 9.77
C PHE A 302 4.71 -8.73 9.92
N GLY A 303 5.92 -9.09 10.31
CA GLY A 303 6.27 -10.45 10.68
C GLY A 303 7.04 -11.23 9.64
N TYR A 304 7.09 -10.75 8.41
CA TYR A 304 7.70 -11.50 7.32
C TYR A 304 8.63 -10.59 6.53
N GLY A 305 9.64 -11.22 5.91
CA GLY A 305 10.68 -10.43 5.27
C GLY A 305 10.14 -9.62 4.11
N ASP A 306 10.74 -8.43 3.93
CA ASP A 306 10.36 -7.55 2.82
C ASP A 306 10.45 -8.27 1.47
N ASN A 307 11.29 -9.30 1.38
CA ASN A 307 11.61 -9.90 0.09
C ASN A 307 10.75 -11.11 -0.26
N ILE A 308 10.05 -11.70 0.72
CA ILE A 308 9.25 -12.89 0.46
C ILE A 308 7.76 -12.57 0.33
N GLN A 309 7.37 -11.33 0.54
CA GLN A 309 5.99 -10.86 0.34
C GLN A 309 6.04 -9.34 0.22
N VAL A 310 4.88 -8.73 0.00
CA VAL A 310 4.80 -7.30 -0.27
C VAL A 310 4.32 -6.60 0.99
N PHE A 311 5.23 -5.88 1.63
CA PHE A 311 4.94 -5.13 2.84
C PHE A 311 3.78 -4.17 2.61
N ASP A 312 2.91 -4.06 3.60
CA ASP A 312 1.73 -3.23 3.48
C ASP A 312 1.59 -2.37 4.73
N ILE A 313 1.30 -1.10 4.53
CA ILE A 313 1.12 -0.14 5.62
C ILE A 313 -0.33 0.35 5.61
N GLU A 314 -1.02 0.12 6.73
CA GLU A 314 -2.42 0.50 6.86
C GLU A 314 -2.55 2.00 7.17
N ARG A 315 -3.32 2.70 6.34
CA ARG A 315 -3.63 4.12 6.52
C ARG A 315 -2.36 4.93 6.77
N GLY A 316 -1.35 4.69 5.94
CA GLY A 316 -0.09 5.39 6.06
C GLY A 316 0.86 4.97 4.95
N LYS A 317 1.88 5.79 4.76
CA LYS A 317 2.85 5.57 3.70
C LYS A 317 4.27 5.63 4.27
N SER A 318 5.26 5.47 3.39
CA SER A 318 6.65 5.45 3.76
C SER A 318 7.25 6.85 3.63
N ASP A 319 8.26 7.13 4.46
CA ASP A 319 8.94 8.41 4.37
C ASP A 319 10.12 8.39 3.41
N ARG A 320 10.65 7.20 3.10
CA ARG A 320 11.79 7.03 2.22
C ARG A 320 11.42 6.15 1.04
N ILE A 321 12.26 6.20 0.00
CA ILE A 321 12.25 5.13 -0.99
C ILE A 321 12.62 3.84 -0.29
N ARG A 322 11.80 2.81 -0.48
CA ARG A 322 12.07 1.49 0.08
C ARG A 322 12.64 0.58 -1.00
N GLU A 323 13.60 -0.26 -0.63
CA GLU A 323 14.24 -1.13 -1.60
C GLU A 323 13.23 -2.07 -2.25
N TYR A 324 12.36 -2.67 -1.45
CA TYR A 324 11.42 -3.62 -2.03
C TYR A 324 10.05 -3.00 -2.22
N PRO A 325 9.35 -3.39 -3.27
CA PRO A 325 7.98 -2.88 -3.47
C PRO A 325 7.10 -3.13 -2.26
N TRP A 326 6.24 -2.16 -1.99
CA TRP A 326 5.35 -2.20 -0.82
C TRP A 326 4.03 -1.57 -1.22
N GLN A 327 3.11 -1.52 -0.26
CA GLN A 327 1.75 -1.09 -0.55
C GLN A 327 1.21 -0.27 0.62
N THR A 328 0.65 0.89 0.32
CA THR A 328 -0.24 1.57 1.25
C THR A 328 -1.66 1.08 0.94
N ASP A 329 -2.35 0.58 1.98
CA ASP A 329 -3.78 0.31 1.88
C ASP A 329 -4.51 1.30 2.78
N THR A 330 -5.43 2.05 2.21
CA THR A 330 -6.12 3.12 2.91
C THR A 330 -7.51 3.24 2.32
N SER A 331 -8.36 3.99 3.01
CA SER A 331 -9.76 4.11 2.65
C SER A 331 -10.08 5.51 2.16
N VAL A 332 -11.05 5.60 1.25
CA VAL A 332 -11.60 6.89 0.87
C VAL A 332 -12.30 7.53 2.05
N GLY A 333 -12.92 6.70 2.90
CA GLY A 333 -13.51 7.22 4.13
C GLY A 333 -12.47 7.36 5.23
N LYS A 334 -12.55 8.48 5.94
CA LYS A 334 -11.62 8.72 7.04
C LYS A 334 -12.01 7.95 8.29
N LYS A 335 -13.30 7.69 8.49
CA LYS A 335 -13.78 7.02 9.69
C LYS A 335 -13.80 5.51 9.57
N SER A 336 -14.11 4.97 8.40
CA SER A 336 -14.43 3.55 8.28
C SER A 336 -13.99 3.01 6.94
N TRP A 337 -13.97 1.68 6.84
CA TRP A 337 -13.76 0.99 5.58
C TRP A 337 -15.07 0.58 4.93
N SER A 338 -15.95 -0.06 5.69
CA SER A 338 -17.31 -0.29 5.22
C SER A 338 -18.09 1.02 5.17
N TYR A 339 -19.22 0.98 4.48
CA TYR A 339 -20.11 2.14 4.48
C TYR A 339 -20.68 2.37 5.86
N CYS A 340 -20.71 3.62 6.28
CA CYS A 340 -21.39 4.04 7.50
C CYS A 340 -22.01 5.40 7.24
N VAL A 341 -23.20 5.62 7.80
CA VAL A 341 -23.85 6.91 7.63
C VAL A 341 -23.02 7.99 8.32
N GLY A 342 -22.86 9.13 7.66
CA GLY A 342 -22.05 10.19 8.20
C GLY A 342 -20.57 10.04 7.97
N GLU A 343 -20.16 9.24 6.99
CA GLU A 343 -18.74 9.11 6.67
C GLU A 343 -18.21 10.43 6.11
N GLU A 344 -16.98 10.77 6.49
CA GLU A 344 -16.28 11.93 5.94
C GLU A 344 -15.26 11.40 4.93
N ASN A 345 -15.55 11.60 3.65
CA ASN A 345 -14.70 11.10 2.58
C ASN A 345 -13.58 12.09 2.29
N LYS A 346 -12.40 11.55 1.95
CA LYS A 346 -11.29 12.38 1.56
C LYS A 346 -11.56 13.03 0.22
N SER A 347 -10.83 14.12 -0.05
CA SER A 347 -10.92 14.78 -1.34
C SER A 347 -10.05 14.06 -2.36
N PRO A 348 -10.34 14.20 -3.65
CA PRO A 348 -9.44 13.63 -4.67
C PRO A 348 -8.02 14.17 -4.56
N ASP A 349 -7.89 15.45 -4.21
CA ASP A 349 -6.57 16.05 -4.08
C ASP A 349 -5.76 15.38 -2.97
N HIS A 350 -6.40 15.15 -1.81
CA HIS A 350 -5.76 14.43 -0.72
C HIS A 350 -5.23 13.08 -1.19
N ILE A 351 -6.07 12.31 -1.86
CA ILE A 351 -5.70 10.95 -2.25
C ILE A 351 -4.66 10.96 -3.35
N ILE A 352 -4.81 11.83 -4.36
CA ILE A 352 -3.89 11.84 -5.49
C ILE A 352 -2.51 12.31 -5.05
N ASP A 353 -2.47 13.29 -4.13
CA ASP A 353 -1.18 13.73 -3.60
C ASP A 353 -0.47 12.59 -2.87
N ASP A 354 -1.20 11.86 -2.03
CA ASP A 354 -0.61 10.71 -1.35
C ASP A 354 -0.21 9.64 -2.36
N PHE A 355 -1.06 9.41 -3.37
CA PHE A 355 -0.78 8.45 -4.42
C PHE A 355 0.57 8.70 -5.07
N VAL A 356 0.81 9.93 -5.52
CA VAL A 356 2.07 10.27 -6.18
C VAL A 356 3.25 10.08 -5.21
N ASP A 357 3.07 10.52 -3.96
CA ASP A 357 4.11 10.32 -2.96
C ASP A 357 4.39 8.84 -2.75
N ILE A 358 3.34 8.03 -2.71
CA ILE A 358 3.50 6.59 -2.54
C ILE A 358 4.29 6.00 -3.71
N VAL A 359 3.90 6.35 -4.94
CA VAL A 359 4.52 5.74 -6.11
C VAL A 359 5.98 6.16 -6.23
N SER A 360 6.29 7.40 -5.85
CA SER A 360 7.66 7.88 -5.95
C SER A 360 8.61 7.13 -5.01
N LYS A 361 8.07 6.43 -4.02
CA LYS A 361 8.87 5.72 -3.04
C LYS A 361 8.78 4.20 -3.16
N ASN A 362 8.46 3.71 -4.37
CA ASN A 362 8.38 2.30 -4.71
C ASN A 362 7.12 1.62 -4.18
N GLY A 363 6.08 2.39 -3.86
CA GLY A 363 4.88 1.83 -3.28
C GLY A 363 3.72 1.77 -4.26
N ASN A 364 2.75 0.91 -3.93
CA ASN A 364 1.47 0.87 -4.59
C ASN A 364 0.41 1.44 -3.66
N LEU A 365 -0.66 1.96 -4.23
CA LEU A 365 -1.82 2.42 -3.47
C LEU A 365 -2.95 1.44 -3.65
N LEU A 366 -3.44 0.89 -2.53
CA LEU A 366 -4.63 0.06 -2.50
C LEU A 366 -5.71 0.88 -1.82
N LEU A 367 -6.62 1.44 -2.61
CA LEU A 367 -7.58 2.43 -2.15
C LEU A 367 -8.95 1.79 -1.95
N ASN A 368 -9.50 1.93 -0.75
CA ASN A 368 -10.73 1.24 -0.37
C ASN A 368 -11.96 2.11 -0.54
N ILE A 369 -13.01 1.51 -1.06
CA ILE A 369 -14.35 2.09 -1.06
C ILE A 369 -15.26 1.18 -0.25
N GLY A 370 -16.31 1.77 0.32
CA GLY A 370 -17.27 1.03 1.11
C GLY A 370 -18.68 1.18 0.60
N PRO A 371 -19.16 0.18 -0.16
CA PRO A 371 -20.49 0.30 -0.77
C PRO A 371 -21.60 0.12 0.26
N LYS A 372 -22.76 0.70 -0.05
CA LYS A 372 -23.93 0.53 0.78
C LYS A 372 -24.36 -0.94 0.80
N ALA A 373 -25.10 -1.30 1.85
CA ALA A 373 -25.46 -2.70 2.06
C ALA A 373 -26.21 -3.29 0.88
N ASP A 374 -26.97 -2.48 0.15
CA ASP A 374 -27.71 -2.97 -1.00
C ASP A 374 -26.83 -3.21 -2.22
N GLY A 375 -25.53 -2.90 -2.14
CA GLY A 375 -24.62 -3.10 -3.25
C GLY A 375 -24.31 -1.85 -4.04
N THR A 376 -24.71 -0.67 -3.57
CA THR A 376 -24.51 0.58 -4.29
C THR A 376 -23.26 1.28 -3.78
N ILE A 377 -22.35 1.58 -4.69
CA ILE A 377 -21.22 2.47 -4.39
C ILE A 377 -21.75 3.89 -4.32
N THR A 378 -21.46 4.57 -3.22
CA THR A 378 -21.97 5.93 -3.03
C THR A 378 -21.46 6.86 -4.12
N ASP A 379 -22.20 7.95 -4.33
CA ASP A 379 -21.86 8.89 -5.39
C ASP A 379 -20.59 9.67 -5.05
N GLU A 380 -20.34 9.92 -3.77
CA GLU A 380 -19.10 10.59 -3.38
C GLU A 380 -17.89 9.74 -3.73
N GLN A 381 -17.92 8.46 -3.36
CA GLN A 381 -16.79 7.59 -3.64
C GLN A 381 -16.69 7.26 -5.12
N LYS A 382 -17.83 7.19 -5.83
CA LYS A 382 -17.79 7.13 -7.28
C LYS A 382 -17.07 8.35 -7.86
N ASN A 383 -17.35 9.54 -7.32
CA ASN A 383 -16.72 10.74 -7.83
C ASN A 383 -15.22 10.75 -7.57
N VAL A 384 -14.80 10.25 -6.40
CA VAL A 384 -13.38 10.22 -6.07
C VAL A 384 -12.63 9.33 -7.04
N LEU A 385 -13.17 8.13 -7.31
CA LEU A 385 -12.50 7.22 -8.23
C LEU A 385 -12.48 7.78 -9.65
N ALA A 386 -13.59 8.39 -10.09
CA ALA A 386 -13.63 8.97 -11.42
C ALA A 386 -12.62 10.08 -11.58
N GLU A 387 -12.42 10.89 -10.54
CA GLU A 387 -11.45 11.98 -10.61
C GLU A 387 -10.03 11.44 -10.72
N ILE A 388 -9.70 10.42 -9.93
CA ILE A 388 -8.40 9.76 -10.03
C ILE A 388 -8.20 9.21 -11.44
N GLY A 389 -9.22 8.53 -11.97
CA GLY A 389 -9.11 7.99 -13.31
C GLY A 389 -8.87 9.06 -14.36
N LYS A 390 -9.57 10.19 -14.24
CA LYS A 390 -9.34 11.29 -15.17
C LYS A 390 -7.93 11.83 -15.06
N TRP A 391 -7.42 11.97 -13.82
CA TRP A 391 -6.04 12.41 -13.65
C TRP A 391 -5.07 11.42 -14.26
N LEU A 392 -5.31 10.12 -14.07
CA LEU A 392 -4.42 9.11 -14.61
C LEU A 392 -4.50 9.04 -16.13
N LYS A 393 -5.65 9.37 -16.70
CA LYS A 393 -5.77 9.38 -18.17
C LYS A 393 -4.75 10.34 -18.78
N THR A 394 -4.49 11.46 -18.11
CA THR A 394 -3.53 12.44 -18.60
C THR A 394 -2.11 12.15 -18.12
N ASN A 395 -1.95 11.80 -16.84
CA ASN A 395 -0.64 11.76 -16.20
C ASN A 395 -0.13 10.34 -15.98
N GLY A 396 -0.79 9.32 -16.54
CA GLY A 396 -0.44 7.94 -16.24
C GLY A 396 0.93 7.51 -16.70
N GLU A 397 1.49 8.16 -17.71
CA GLU A 397 2.83 7.81 -18.17
C GLU A 397 3.85 7.93 -17.05
N ALA A 398 3.64 8.88 -16.13
CA ALA A 398 4.53 9.04 -14.99
C ALA A 398 4.31 8.01 -13.90
N ILE A 399 3.22 7.24 -13.96
CA ILE A 399 2.82 6.34 -12.89
C ILE A 399 3.00 4.88 -13.29
N TYR A 400 2.25 4.43 -14.29
CA TYR A 400 2.28 3.03 -14.70
C TYR A 400 3.66 2.64 -15.21
N GLY A 401 4.21 1.55 -14.66
CA GLY A 401 5.48 1.02 -15.08
C GLY A 401 6.70 1.79 -14.61
N SER A 402 6.51 2.85 -13.83
CA SER A 402 7.61 3.68 -13.37
C SER A 402 8.32 3.02 -12.19
N ARG A 403 9.49 3.57 -11.86
CA ARG A 403 10.28 3.15 -10.73
C ARG A 403 10.80 4.40 -10.03
N PRO A 404 11.20 4.28 -8.76
CA PRO A 404 11.79 5.43 -8.07
C PRO A 404 12.99 5.99 -8.81
N TRP A 405 13.24 7.29 -8.64
CA TRP A 405 14.42 7.94 -9.19
C TRP A 405 15.55 7.86 -8.15
N VAL A 406 16.52 8.76 -8.22
CA VAL A 406 17.56 8.77 -7.18
C VAL A 406 16.97 9.23 -5.85
N ILE A 407 15.98 10.13 -5.89
CA ILE A 407 15.37 10.68 -4.69
C ILE A 407 13.90 10.90 -4.97
N ALA A 408 13.06 10.64 -3.97
CA ALA A 408 11.63 10.65 -4.19
C ALA A 408 11.04 12.07 -4.16
N SER A 409 11.57 12.94 -3.32
CA SER A 409 10.88 14.20 -3.06
C SER A 409 11.87 15.32 -2.76
N GLU A 410 11.39 16.54 -2.95
CA GLU A 410 12.08 17.75 -2.51
C GLU A 410 11.02 18.78 -2.14
N GLY A 411 11.45 19.82 -1.45
CA GLY A 411 10.55 20.86 -0.99
C GLY A 411 10.39 20.84 0.52
N HIS A 412 9.48 21.70 0.99
CA HIS A 412 9.35 21.94 2.42
C HIS A 412 8.49 20.91 3.13
N ASN A 413 7.46 20.39 2.46
CA ASN A 413 6.45 19.56 3.11
C ASN A 413 6.67 18.10 2.74
N ALA A 414 7.23 17.34 3.69
CA ALA A 414 7.53 15.93 3.44
C ALA A 414 6.27 15.07 3.37
N GLY A 415 5.20 15.50 4.03
CA GLY A 415 3.98 14.71 4.07
C GLY A 415 3.96 13.74 5.23
N THR A 416 2.87 12.99 5.31
CA THR A 416 2.71 12.01 6.38
C THR A 416 3.54 10.76 6.08
N ALA A 417 3.70 9.93 7.10
CA ALA A 417 4.47 8.69 6.98
C ALA A 417 4.16 7.80 8.16
N GLY A 418 3.87 6.54 7.88
CA GLY A 418 3.74 5.56 8.95
C GLY A 418 2.30 5.16 9.21
N TYR A 419 2.16 4.01 9.87
CA TYR A 419 0.88 3.42 10.27
C TYR A 419 -0.02 4.45 10.91
N MET A 420 -1.26 4.54 10.39
CA MET A 420 -2.33 5.36 10.98
C MET A 420 -1.95 6.84 11.04
N THR A 421 -1.47 7.38 9.92
CA THR A 421 -1.14 8.79 9.85
C THR A 421 -1.72 9.52 8.65
N ASP A 422 -2.36 8.83 7.71
CA ASP A 422 -2.66 9.42 6.41
C ASP A 422 -4.02 10.11 6.34
N ASN A 423 -4.76 10.19 7.45
CA ASN A 423 -5.98 11.00 7.43
C ASN A 423 -5.65 12.48 7.38
N THR A 424 -4.48 12.87 7.88
CA THR A 424 -4.03 14.25 7.77
C THR A 424 -3.70 14.57 6.32
N LYS A 425 -4.21 15.70 5.85
CA LYS A 425 -3.93 16.17 4.49
C LYS A 425 -2.86 17.25 4.52
N THR A 426 -1.81 17.05 3.74
CA THR A 426 -0.73 18.02 3.64
C THR A 426 -1.11 19.13 2.65
N GLU A 427 -0.76 20.37 3.00
CA GLU A 427 -1.01 21.52 2.13
C GLU A 427 0.23 21.76 1.30
N TYR A 428 0.32 21.07 0.17
CA TYR A 428 1.50 21.13 -0.67
C TYR A 428 1.50 22.40 -1.51
N THR A 429 2.71 22.81 -1.90
CA THR A 429 2.93 23.87 -2.87
C THR A 429 3.46 23.28 -4.16
N ALA A 430 3.62 24.14 -5.16
CA ALA A 430 4.21 23.70 -6.42
C ALA A 430 5.66 23.27 -6.24
N ASP A 431 6.32 23.75 -5.19
CA ASP A 431 7.70 23.39 -4.89
C ASP A 431 7.82 22.00 -4.26
N ASP A 432 6.73 21.45 -3.74
CA ASP A 432 6.72 20.06 -3.27
C ASP A 432 6.63 19.16 -4.49
N ILE A 433 7.74 18.51 -4.83
CA ILE A 433 7.86 17.78 -6.08
C ILE A 433 8.20 16.33 -5.77
N ARG A 434 7.60 15.42 -6.53
CA ARG A 434 7.85 13.99 -6.42
C ARG A 434 8.38 13.48 -7.75
N PHE A 435 9.33 12.56 -7.70
CA PHE A 435 10.02 12.08 -8.89
C PHE A 435 9.70 10.63 -9.17
N THR A 436 9.49 10.29 -10.43
CA THR A 436 9.55 8.92 -10.91
C THR A 436 10.37 8.89 -12.19
N THR A 437 10.69 7.68 -12.63
CA THR A 437 11.45 7.47 -13.86
C THR A 437 10.86 6.29 -14.62
N CYS A 438 10.96 6.35 -15.95
CA CYS A 438 10.53 5.25 -16.80
C CYS A 438 11.14 5.44 -18.18
N ASP A 439 11.73 4.37 -18.71
CA ASP A 439 12.35 4.39 -20.03
C ASP A 439 13.41 5.50 -20.12
N ASN A 440 14.13 5.73 -19.03
CA ASN A 440 15.17 6.72 -18.88
C ASN A 440 14.61 8.14 -18.76
N ASN A 441 13.30 8.33 -18.89
CA ASN A 441 12.71 9.66 -18.72
C ASN A 441 12.55 9.98 -17.24
N LEU A 442 12.66 11.27 -16.91
CA LEU A 442 12.45 11.76 -15.56
C LEU A 442 11.10 12.45 -15.49
N TYR A 443 10.31 12.11 -14.48
CA TYR A 443 9.00 12.71 -14.26
C TYR A 443 9.04 13.43 -12.92
N ALA A 444 8.82 14.74 -12.95
CA ALA A 444 8.80 15.58 -11.77
C ALA A 444 7.38 16.09 -11.58
N VAL A 445 6.73 15.67 -10.51
CA VAL A 445 5.32 15.91 -10.28
C VAL A 445 5.20 16.95 -9.17
N SER A 446 4.76 18.16 -9.54
CA SER A 446 4.40 19.16 -8.56
C SER A 446 3.05 18.83 -7.95
N LEU A 447 2.96 18.90 -6.63
CA LEU A 447 1.74 18.55 -5.91
C LEU A 447 0.77 19.71 -5.78
N ALA A 448 1.01 20.80 -6.52
CA ALA A 448 0.12 21.96 -6.53
C ALA A 448 0.54 22.83 -7.71
N TRP A 449 -0.24 23.87 -7.96
CA TRP A 449 -0.07 24.74 -9.11
C TRP A 449 0.63 26.04 -8.70
N THR A 450 1.19 26.70 -9.71
CA THR A 450 1.74 28.04 -9.53
C THR A 450 1.64 28.77 -10.86
N ASP A 451 1.40 30.08 -10.78
CA ASP A 451 1.43 30.92 -11.97
C ASP A 451 2.86 31.24 -12.42
N GLY A 452 3.85 30.94 -11.59
CA GLY A 452 5.23 31.22 -11.92
C GLY A 452 6.05 29.99 -12.24
N SER A 453 7.16 29.83 -11.53
CA SER A 453 8.14 28.80 -11.84
C SER A 453 8.50 27.99 -10.61
N VAL A 454 9.02 26.79 -10.86
CA VAL A 454 9.68 25.99 -9.83
C VAL A 454 11.15 25.86 -10.22
N THR A 455 11.96 25.52 -9.22
CA THR A 455 13.37 25.20 -9.43
C THR A 455 13.61 23.82 -8.85
N ILE A 456 13.93 22.85 -9.71
CA ILE A 456 14.13 21.46 -9.29
C ILE A 456 15.51 21.37 -8.64
N LYS A 457 15.54 21.48 -7.31
CA LYS A 457 16.79 21.52 -6.57
C LYS A 457 17.59 20.22 -6.69
N SER A 458 16.92 19.11 -6.96
CA SER A 458 17.61 17.83 -7.09
C SER A 458 18.44 17.74 -8.35
N LEU A 459 18.28 18.67 -9.29
CA LEU A 459 19.14 18.79 -10.46
C LEU A 459 20.15 19.92 -10.29
N ALA A 460 20.39 20.36 -9.05
CA ALA A 460 21.41 21.36 -8.79
C ALA A 460 22.76 20.84 -9.21
N THR A 461 23.64 21.77 -9.60
CA THR A 461 24.89 21.40 -10.25
C THR A 461 25.74 20.46 -9.40
N LYS A 462 25.65 20.55 -8.08
CA LYS A 462 26.50 19.73 -7.22
C LYS A 462 26.13 18.26 -7.29
N TYR A 463 24.87 17.95 -7.60
CA TYR A 463 24.44 16.56 -7.70
C TYR A 463 24.73 15.94 -9.06
N CYS A 464 25.25 16.72 -10.01
CA CYS A 464 25.23 16.34 -11.42
C CYS A 464 26.62 16.31 -12.02
N ARG A 465 26.76 15.53 -13.10
CA ARG A 465 27.95 15.50 -13.94
C ARG A 465 27.51 15.44 -15.38
N ASN A 466 27.70 16.54 -16.11
CA ASN A 466 27.39 16.63 -17.54
C ASN A 466 25.89 16.43 -17.80
N VAL A 467 25.06 16.93 -16.89
CA VAL A 467 23.61 16.87 -17.09
C VAL A 467 23.21 17.93 -18.12
N GLU A 468 22.59 17.48 -19.21
CA GLU A 468 22.07 18.37 -20.24
C GLU A 468 20.60 18.05 -20.44
N ILE A 469 19.75 19.07 -20.32
CA ILE A 469 18.32 18.88 -20.49
C ILE A 469 18.01 18.86 -21.98
N GLU A 470 17.42 17.77 -22.46
CA GLU A 470 17.09 17.63 -23.86
C GLU A 470 15.69 18.14 -24.18
N SER A 471 14.76 18.01 -23.25
CA SER A 471 13.39 18.45 -23.49
C SER A 471 12.63 18.47 -22.17
N VAL A 472 11.70 19.41 -22.06
CA VAL A 472 10.75 19.46 -20.96
C VAL A 472 9.37 19.71 -21.53
N GLU A 473 8.39 18.98 -21.01
CA GLU A 473 6.99 19.16 -21.36
C GLU A 473 6.15 18.84 -20.14
N MET A 474 4.98 19.45 -20.05
CA MET A 474 4.00 19.06 -19.05
C MET A 474 3.00 18.12 -19.69
N LEU A 475 2.74 16.99 -19.04
CA LEU A 475 1.82 16.00 -19.58
C LEU A 475 0.43 16.60 -19.73
N GLY A 476 -0.16 16.40 -20.91
CA GLY A 476 -1.47 16.94 -21.21
C GLY A 476 -1.49 18.39 -21.63
N SER A 477 -0.33 19.03 -21.76
CA SER A 477 -0.24 20.43 -22.15
C SER A 477 0.41 20.55 -23.52
N SER A 478 -0.18 21.38 -24.38
CA SER A 478 0.38 21.67 -25.69
C SER A 478 1.27 22.90 -25.70
N GLU A 479 1.40 23.58 -24.57
CA GLU A 479 2.25 24.75 -24.48
C GLU A 479 3.71 24.33 -24.35
N LYS A 480 4.58 24.92 -25.17
CA LYS A 480 6.01 24.72 -25.01
C LYS A 480 6.44 25.23 -23.65
N ILE A 481 7.14 24.38 -22.90
CA ILE A 481 7.62 24.74 -21.58
C ILE A 481 8.97 25.44 -21.72
N ASP A 482 9.10 26.59 -21.09
CA ASP A 482 10.34 27.35 -21.07
CA ASP A 482 10.36 27.33 -21.08
C ASP A 482 11.11 27.03 -19.80
N TYR A 483 12.34 26.56 -19.95
CA TYR A 483 13.13 26.11 -18.82
C TYR A 483 14.57 26.58 -18.98
N LYS A 484 15.29 26.55 -17.87
CA LYS A 484 16.66 27.04 -17.82
C LYS A 484 17.41 26.29 -16.72
N MET A 485 18.50 25.63 -17.09
CA MET A 485 19.35 24.99 -16.10
C MET A 485 20.22 26.06 -15.45
N THR A 486 20.22 26.07 -14.12
CA THR A 486 21.06 26.96 -13.33
C THR A 486 21.79 26.13 -12.29
N ASP A 487 22.73 26.77 -11.59
CA ASP A 487 23.49 26.07 -10.57
C ASP A 487 22.59 25.57 -9.43
N GLU A 488 21.51 26.29 -9.15
CA GLU A 488 20.60 25.93 -8.07
C GLU A 488 19.62 24.83 -8.46
N GLY A 489 19.63 24.41 -9.72
CA GLY A 489 18.71 23.41 -10.21
C GLY A 489 18.06 23.86 -11.50
N LEU A 490 17.14 23.01 -11.99
CA LEU A 490 16.44 23.28 -13.24
C LEU A 490 15.22 24.16 -12.95
N VAL A 491 15.23 25.37 -13.49
CA VAL A 491 14.12 26.31 -13.36
C VAL A 491 13.12 26.01 -14.46
N VAL A 492 11.87 25.72 -14.07
CA VAL A 492 10.81 25.38 -15.00
C VAL A 492 9.62 26.29 -14.75
N ASN A 493 9.15 26.94 -15.82
CA ASN A 493 8.02 27.85 -15.75
C ASN A 493 6.75 27.10 -16.15
N PHE A 494 5.73 27.16 -15.30
CA PHE A 494 4.48 26.48 -15.56
C PHE A 494 3.80 27.07 -16.80
N PRO A 495 2.98 26.30 -17.50
CA PRO A 495 2.23 26.84 -18.64
C PRO A 495 1.02 27.62 -18.14
N LYS A 496 0.29 28.20 -19.10
CA LYS A 496 -0.87 29.01 -18.76
C LYS A 496 -2.00 28.18 -18.18
N ASN A 497 -2.36 27.10 -18.86
CA ASN A 497 -3.57 26.35 -18.57
C ASN A 497 -3.25 25.05 -17.85
N LYS A 498 -4.01 24.75 -16.81
CA LYS A 498 -3.90 23.48 -16.10
C LYS A 498 -4.40 22.34 -16.98
N PRO A 499 -3.57 21.36 -17.32
CA PRO A 499 -4.12 20.17 -17.99
C PRO A 499 -5.05 19.38 -17.07
N THR A 500 -4.69 19.24 -15.81
CA THR A 500 -5.55 18.63 -14.79
C THR A 500 -5.40 19.40 -13.49
N GLU A 501 -6.26 19.06 -12.53
CA GLU A 501 -6.13 19.55 -11.17
C GLU A 501 -5.13 18.70 -10.40
N TYR A 502 -5.04 18.97 -9.10
CA TYR A 502 -4.43 18.07 -8.12
C TYR A 502 -2.91 18.01 -8.21
N ALA A 503 -2.38 17.51 -9.32
CA ALA A 503 -0.93 17.36 -9.46
C ALA A 503 -0.58 17.47 -10.94
N HIS A 504 0.65 17.91 -11.20
CA HIS A 504 1.05 18.31 -12.54
C HIS A 504 2.44 17.76 -12.83
N VAL A 505 2.60 17.14 -13.99
CA VAL A 505 3.74 16.29 -14.29
C VAL A 505 4.58 16.92 -15.39
N PHE A 506 5.86 17.17 -15.10
CA PHE A 506 6.84 17.53 -16.10
C PHE A 506 7.57 16.27 -16.54
N LYS A 507 7.58 15.99 -17.84
CA LYS A 507 8.38 14.92 -18.41
C LYS A 507 9.69 15.52 -18.91
N ILE A 508 10.80 15.01 -18.38
CA ILE A 508 12.12 15.58 -18.65
C ILE A 508 12.98 14.51 -19.30
N LYS A 509 13.47 14.81 -20.50
CA LYS A 509 14.50 14.00 -21.15
C LYS A 509 15.84 14.66 -20.92
N LEU A 510 16.78 13.91 -20.35
CA LEU A 510 18.08 14.45 -19.98
C LEU A 510 19.13 13.35 -20.12
N LYS A 511 20.37 13.77 -20.37
CA LYS A 511 21.53 12.91 -20.20
C LYS A 511 22.36 13.41 -19.03
N GLY A 512 23.36 12.62 -18.65
CA GLY A 512 24.20 12.91 -17.52
C GLY A 512 23.96 11.93 -16.37
N VAL A 513 24.79 12.09 -15.34
CA VAL A 513 24.71 11.28 -14.13
C VAL A 513 24.25 12.18 -12.98
N VAL A 514 23.36 11.65 -12.15
CA VAL A 514 22.84 12.38 -11.00
C VAL A 514 22.95 11.49 -9.77
N VAL A 515 23.35 12.08 -8.66
CA VAL A 515 23.37 11.38 -7.38
C VAL A 515 22.38 12.06 -6.44
N SER A 516 21.76 11.26 -5.58
CA SER A 516 20.92 11.81 -4.53
C SER A 516 21.78 12.41 -3.43
N LYS A 517 21.17 13.27 -2.63
CA LYS A 517 21.82 13.68 -1.40
C LYS A 517 21.91 12.48 -0.46
N PRO A 518 22.95 12.41 0.36
CA PRO A 518 23.15 11.22 1.20
C PRO A 518 22.18 11.15 2.36
N LEU A 519 21.82 9.92 2.71
CA LEU A 519 21.02 9.63 3.89
C LEU A 519 21.89 8.92 4.92
N TYR A 520 21.87 9.43 6.15
CA TYR A 520 22.74 8.92 7.21
C TYR A 520 21.92 8.12 8.22
N ASP A 521 22.34 6.87 8.46
CA ASP A 521 21.70 6.01 9.42
C ASP A 521 22.71 5.54 10.44
N LYS A 522 22.27 5.49 11.70
CA LYS A 522 23.15 5.17 12.82
C LYS A 522 23.29 3.67 13.00
N VAL A 523 24.53 3.22 13.21
CA VAL A 523 24.83 1.84 13.58
C VAL A 523 25.96 1.86 14.61
N ASP A 524 26.36 0.67 15.07
CA ASP A 524 27.30 0.55 16.18
C ASP A 524 28.68 1.05 15.78
N ASN A 525 29.15 2.07 16.48
CA ASN A 525 30.49 2.63 16.29
C ASN A 525 30.71 3.20 14.89
N GLY A 526 29.63 3.52 14.20
CA GLY A 526 29.77 4.08 12.87
C GLY A 526 28.43 4.54 12.33
N CYS A 527 28.44 4.91 11.06
CA CYS A 527 27.23 5.35 10.38
C CYS A 527 27.17 4.73 8.99
N LEU A 528 25.94 4.52 8.52
CA LEU A 528 25.67 4.01 7.18
C LEU A 528 25.27 5.17 6.28
N ILE A 529 25.86 5.22 5.09
CA ILE A 529 25.51 6.23 4.08
C ILE A 529 24.80 5.52 2.96
N THR A 530 23.72 6.12 2.47
CA THR A 530 22.94 5.56 1.37
C THR A 530 22.66 6.67 0.37
N VAL A 531 23.05 6.45 -0.87
CA VAL A 531 22.67 7.30 -1.99
C VAL A 531 22.16 6.41 -3.12
N ARG A 532 21.52 7.04 -4.09
CA ARG A 532 21.16 6.40 -5.34
C ARG A 532 21.74 7.22 -6.48
N VAL A 533 22.23 6.54 -7.51
CA VAL A 533 22.90 7.17 -8.64
C VAL A 533 22.18 6.74 -9.90
N ALA A 534 21.87 7.71 -10.78
CA ALA A 534 21.22 7.42 -12.05
C ALA A 534 22.14 7.87 -13.19
N ASN A 535 22.39 6.96 -14.13
CA ASN A 535 23.10 7.29 -15.36
C ASN A 535 22.06 7.40 -16.47
N HIS A 536 21.74 8.63 -16.84
CA HIS A 536 20.82 8.89 -17.94
C HIS A 536 21.52 8.93 -19.29
N ASN A 537 22.84 8.76 -19.32
CA ASN A 537 23.57 8.73 -20.58
C ASN A 537 23.30 7.42 -21.33
N ALA A 538 23.56 7.46 -22.63
CA ALA A 538 23.53 6.25 -23.45
C ALA A 538 24.85 5.50 -23.39
N GLU A 539 25.84 6.04 -22.71
CA GLU A 539 27.14 5.39 -22.54
C GLU A 539 27.30 5.01 -21.07
N ASP A 540 27.96 3.88 -20.83
CA ASP A 540 28.29 3.48 -19.47
C ASP A 540 29.09 4.57 -18.78
N ALA A 541 28.98 4.62 -17.46
CA ALA A 541 29.68 5.63 -16.69
C ALA A 541 30.28 5.00 -15.44
N ASN A 542 31.43 5.51 -15.04
CA ASN A 542 32.05 5.17 -13.76
C ASN A 542 32.04 6.39 -12.86
N VAL A 543 31.73 6.16 -11.60
CA VAL A 543 31.40 7.22 -10.64
C VAL A 543 32.13 6.94 -9.33
N THR A 544 32.69 7.99 -8.74
CA THR A 544 33.36 7.88 -7.45
C THR A 544 32.58 8.66 -6.40
N LEU A 545 32.24 7.97 -5.31
CA LEU A 545 31.61 8.59 -4.15
C LEU A 545 32.58 8.53 -2.98
N LYS A 546 32.65 9.61 -2.21
CA LYS A 546 33.59 9.71 -1.10
C LYS A 546 32.86 10.27 0.12
N SER A 547 32.90 9.53 1.22
CA SER A 547 32.32 9.96 2.49
C SER A 547 33.46 10.21 3.48
N VAL A 548 33.56 11.44 3.96
CA VAL A 548 34.55 11.82 4.96
C VAL A 548 33.79 12.14 6.24
N VAL A 549 33.89 11.26 7.24
CA VAL A 549 33.22 11.43 8.52
C VAL A 549 34.28 11.46 9.61
N ASP A 550 34.36 12.57 10.33
CA ASP A 550 35.28 12.74 11.45
C ASP A 550 36.71 12.38 11.04
N GLY A 551 37.09 12.82 9.84
CA GLY A 551 38.42 12.56 9.31
C GLY A 551 38.58 11.23 8.61
N ASN A 552 37.68 10.28 8.82
CA ASN A 552 37.77 8.96 8.20
C ASN A 552 37.20 9.02 6.78
N GLU A 553 38.02 8.66 5.79
CA GLU A 553 37.68 8.81 4.38
C GLU A 553 37.41 7.45 3.76
N VAL A 554 36.18 7.24 3.30
CA VAL A 554 35.78 6.01 2.63
C VAL A 554 35.36 6.37 1.21
N SER A 555 35.86 5.63 0.23
CA SER A 555 35.57 5.86 -1.17
C SER A 555 35.08 4.58 -1.82
N THR A 556 34.24 4.74 -2.84
CA THR A 556 33.82 3.62 -3.67
C THR A 556 33.65 4.10 -5.10
N GLN A 557 34.23 3.35 -6.04
CA GLN A 557 34.08 3.61 -7.46
C GLN A 557 33.05 2.63 -8.01
N VAL A 558 32.09 3.16 -8.78
CA VAL A 558 30.90 2.41 -9.15
C VAL A 558 30.70 2.53 -10.66
N ALA A 559 30.50 1.39 -11.31
CA ALA A 559 30.19 1.35 -12.74
C ALA A 559 28.68 1.32 -12.92
N VAL A 560 28.14 2.37 -13.54
CA VAL A 560 26.70 2.50 -13.74
C VAL A 560 26.44 2.37 -15.23
N LYS A 561 25.76 1.28 -15.61
CA LYS A 561 25.43 1.06 -17.01
C LYS A 561 24.54 2.18 -17.54
N ALA A 562 24.62 2.40 -18.85
CA ALA A 562 23.79 3.40 -19.51
C ALA A 562 22.32 3.18 -19.18
N LYS A 563 21.61 4.29 -18.96
CA LYS A 563 20.17 4.28 -18.70
C LYS A 563 19.82 3.29 -17.60
N SER A 564 20.49 3.44 -16.46
CA SER A 564 20.28 2.60 -15.30
C SER A 564 20.53 3.41 -14.04
N GLU A 565 20.11 2.85 -12.92
CA GLU A 565 20.35 3.45 -11.61
C GLU A 565 20.54 2.34 -10.59
N GLN A 566 21.13 2.69 -9.45
CA GLN A 566 21.42 1.67 -8.44
C GLN A 566 21.60 2.31 -7.07
N TRP A 567 21.38 1.48 -6.05
CA TRP A 567 21.69 1.87 -4.67
C TRP A 567 23.20 1.82 -4.44
N VAL A 568 23.72 2.74 -3.63
CA VAL A 568 25.09 2.69 -3.16
C VAL A 568 25.08 2.90 -1.66
N LYS A 569 25.50 1.89 -0.91
CA LYS A 569 25.58 1.95 0.54
C LYS A 569 27.05 2.01 0.95
N MET A 570 27.38 2.96 1.83
CA MET A 570 28.73 3.11 2.34
C MET A 570 28.71 3.19 3.86
N GLN A 571 29.82 2.83 4.47
CA GLN A 571 29.95 2.80 5.93
C GLN A 571 31.23 3.49 6.36
N ASN A 572 31.11 4.47 7.23
CA ASN A 572 32.24 5.02 7.97
C ASN A 572 32.24 4.41 9.36
N LYS A 573 33.37 3.81 9.74
CA LYS A 573 33.49 3.14 11.02
C LYS A 573 34.29 3.98 12.00
N ASP A 574 34.35 3.51 13.24
CA ASP A 574 35.10 4.18 14.31
C ASP A 574 34.63 5.62 14.50
N VAL A 575 33.32 5.82 14.42
CA VAL A 575 32.70 7.11 14.67
C VAL A 575 32.23 7.12 16.13
N LYS A 576 32.80 8.01 16.94
CA LYS A 576 32.62 7.95 18.37
C LYS A 576 31.31 8.58 18.85
N SER A 577 30.71 9.47 18.06
CA SER A 577 29.41 10.06 18.42
C SER A 577 28.65 10.40 17.15
N PHE A 578 27.52 9.73 16.94
CA PHE A 578 26.70 9.99 15.76
C PHE A 578 26.11 11.40 15.80
N ASP A 579 25.75 11.88 16.99
CA ASP A 579 25.17 13.21 17.09
C ASP A 579 26.20 14.30 16.81
N ASP A 580 27.49 14.03 17.07
CA ASP A 580 28.55 15.02 16.93
C ASP A 580 29.33 14.86 15.64
N MET A 581 28.81 14.13 14.66
CA MET A 581 29.58 13.83 13.45
C MET A 581 29.86 15.09 12.65
N SER A 582 31.06 15.14 12.07
CA SER A 582 31.36 16.05 10.97
C SER A 582 31.31 15.23 9.68
N CYS A 583 30.47 15.65 8.74
CA CYS A 583 30.17 14.87 7.55
C CYS A 583 30.39 15.72 6.30
N LYS A 584 31.13 15.16 5.34
CA LYS A 584 31.25 15.71 3.99
C LYS A 584 31.10 14.56 3.00
N PHE A 585 30.32 14.80 1.96
CA PHE A 585 30.10 13.79 0.92
C PHE A 585 30.44 14.37 -0.44
N TYR A 586 31.13 13.58 -1.26
CA TYR A 586 31.68 14.03 -2.52
C TYR A 586 31.20 13.14 -3.66
N PHE A 587 30.81 13.78 -4.77
CA PHE A 587 30.41 13.12 -6.01
C PHE A 587 31.47 13.46 -7.05
N ASN A 588 32.38 12.52 -7.30
CA ASN A 588 33.53 12.72 -8.19
C ASN A 588 34.29 13.99 -7.82
N ASP A 589 34.65 14.08 -6.53
CA ASP A 589 35.44 15.15 -5.94
C ASP A 589 34.72 16.50 -5.93
N ASN A 590 33.41 16.53 -6.20
CA ASN A 590 32.60 17.73 -6.04
C ASN A 590 31.76 17.60 -4.77
N LEU A 591 31.80 18.63 -3.93
CA LEU A 591 31.13 18.57 -2.64
C LEU A 591 29.61 18.57 -2.84
N THR A 592 28.97 17.47 -2.42
CA THR A 592 27.52 17.32 -2.50
C THR A 592 26.84 17.72 -1.19
N TYR A 593 27.45 17.43 -0.05
CA TYR A 593 26.80 17.67 1.23
C TYR A 593 27.85 17.86 2.32
N GLU A 594 27.56 18.76 3.25
CA GLU A 594 28.30 18.91 4.49
C GLU A 594 27.31 19.39 5.55
N ASN A 595 27.45 18.86 6.77
CA ASN A 595 26.53 19.23 7.85
C ASN A 595 27.13 20.36 8.69
N GLU A 596 27.15 21.55 8.07
CA GLU A 596 27.78 22.71 8.67
C GLU A 596 27.05 23.22 9.90
N PHE A 597 25.82 22.76 10.15
CA PHE A 597 25.00 23.29 11.23
C PHE A 597 24.85 22.27 12.34
N LYS A 598 24.62 22.77 13.55
CA LYS A 598 24.68 21.95 14.76
C LYS A 598 23.39 21.16 14.97
N LYS A 599 23.54 19.87 15.26
CA LYS A 599 22.45 18.99 15.68
C LYS A 599 21.22 19.07 14.79
CA CA B . -2.34 18.64 -4.78
C1 GXL C . -7.57 -3.73 9.84
C2 GXL C . -9.05 -4.06 10.02
C3 GXL C . -9.92 -2.96 9.44
C4 GXL C . -9.54 -2.76 7.98
C5 GXL C . -8.05 -2.47 7.83
C6 GXL C . -7.67 -2.44 6.37
O1 GXL C . -7.18 -2.60 10.65
O2 GXL C . -9.33 -4.26 11.41
O3 GXL C . -11.30 -3.33 9.53
O4 GXL C . -9.85 -3.95 7.24
O5 GXL C . -7.27 -3.48 8.47
O6 GXL C . -6.25 -2.26 6.25
C1 EDO D . -5.78 -2.85 14.20
O1 EDO D . -6.99 -2.55 13.48
C2 EDO D . -4.67 -3.21 13.23
O2 EDO D . -4.26 -2.06 12.47
#